data_6KNP
#
_entry.id   6KNP
#
_entity_poly.entity_id   1
_entity_poly.type   'polypeptide(L)'
_entity_poly.pdbx_seq_one_letter_code
;GFRSPCAPFC(NH2)
;
_entity_poly.pdbx_strand_id   A
#
# COMPACT_ATOMS: atom_id res chain seq x y z
N GLY A 1 9.17 -0.95 -6.31
CA GLY A 1 8.50 -0.34 -5.15
C GLY A 1 7.28 -1.12 -4.73
N PHE A 2 6.60 -0.64 -3.70
CA PHE A 2 5.40 -1.29 -3.20
C PHE A 2 4.35 -0.26 -2.91
N ARG A 3 3.56 0.04 -3.91
CA ARG A 3 2.48 0.98 -3.74
C ARG A 3 1.14 0.29 -3.83
N SER A 4 0.66 -0.18 -2.70
CA SER A 4 -0.64 -0.81 -2.64
C SER A 4 -1.71 0.25 -2.33
N PRO A 5 -2.97 0.05 -2.82
CA PRO A 5 -4.07 1.02 -2.61
C PRO A 5 -4.58 1.02 -1.16
N CYS A 6 -3.68 0.85 -0.23
CA CYS A 6 -3.99 0.86 1.18
C CYS A 6 -2.72 1.08 1.96
N ALA A 7 -1.87 1.90 1.44
CA ALA A 7 -0.58 2.10 2.06
C ALA A 7 -0.47 3.43 2.72
N PRO A 8 0.31 3.48 3.80
CA PRO A 8 0.99 2.30 4.36
C PRO A 8 0.18 1.63 5.51
N PHE A 9 -1.16 1.51 5.35
CA PHE A 9 -1.99 0.97 6.44
C PHE A 9 -3.02 -0.07 5.96
N CYS A 10 -2.58 -1.30 5.82
CA CYS A 10 -3.48 -2.42 5.56
C CYS A 10 -2.85 -3.74 5.99
N GLY A 1 9.34 -2.13 -1.99
CA GLY A 1 8.57 -0.89 -2.18
C GLY A 1 7.21 -0.97 -1.54
N PHE A 2 6.43 0.10 -1.66
CA PHE A 2 5.09 0.12 -1.11
C PHE A 2 4.13 0.63 -2.15
N ARG A 3 3.63 -0.28 -2.93
CA ARG A 3 2.64 0.08 -3.92
C ARG A 3 1.39 -0.75 -3.71
N SER A 4 0.53 -0.24 -2.87
CA SER A 4 -0.74 -0.87 -2.59
C SER A 4 -1.80 0.19 -2.34
N PRO A 5 -3.06 -0.07 -2.73
CA PRO A 5 -4.15 0.91 -2.58
C PRO A 5 -4.66 0.99 -1.13
N CYS A 6 -3.73 0.85 -0.20
CA CYS A 6 -4.02 0.93 1.21
C CYS A 6 -2.74 1.13 1.98
N ALA A 7 -1.83 1.89 1.42
CA ALA A 7 -0.55 2.04 2.04
C ALA A 7 -0.38 3.39 2.67
N PRO A 8 0.36 3.44 3.77
CA PRO A 8 0.97 2.26 4.41
C PRO A 8 0.11 1.66 5.55
N PHE A 9 -1.21 1.52 5.33
CA PHE A 9 -2.07 1.02 6.42
C PHE A 9 -3.07 -0.07 5.95
N CYS A 10 -2.58 -1.29 5.83
CA CYS A 10 -3.44 -2.45 5.57
C CYS A 10 -2.72 -3.75 5.93
N GLY A 1 7.88 -0.55 -9.07
CA GLY A 1 7.28 0.00 -7.85
C GLY A 1 6.27 -0.95 -7.25
N PHE A 2 5.67 -0.55 -6.15
CA PHE A 2 4.70 -1.35 -5.46
C PHE A 2 3.58 -0.46 -4.99
N ARG A 3 2.58 -0.36 -5.81
CA ARG A 3 1.44 0.47 -5.50
C ARG A 3 0.35 -0.30 -4.78
N SER A 4 0.42 -0.30 -3.47
CA SER A 4 -0.61 -0.91 -2.66
C SER A 4 -1.69 0.12 -2.38
N PRO A 5 -2.94 -0.13 -2.80
CA PRO A 5 -4.05 0.84 -2.65
C PRO A 5 -4.58 0.92 -1.20
N CYS A 6 -3.68 0.81 -0.25
CA CYS A 6 -4.03 0.92 1.16
C CYS A 6 -2.77 1.15 1.96
N ALA A 7 -1.84 1.89 1.41
CA ALA A 7 -0.57 2.06 2.06
C ALA A 7 -0.44 3.40 2.71
N PRO A 8 0.33 3.45 3.79
CA PRO A 8 0.98 2.27 4.39
C PRO A 8 0.15 1.64 5.53
N PHE A 9 -1.17 1.51 5.36
CA PHE A 9 -2.01 1.00 6.44
C PHE A 9 -3.04 -0.05 5.99
N CYS A 10 -2.59 -1.29 5.84
CA CYS A 10 -3.46 -2.43 5.58
C CYS A 10 -2.77 -3.75 5.91
N GLY A 1 6.89 -1.99 -9.52
CA GLY A 1 6.56 -1.46 -8.19
C GLY A 1 5.37 -2.17 -7.58
N PHE A 2 5.06 -1.82 -6.34
CA PHE A 2 3.94 -2.40 -5.64
C PHE A 2 3.15 -1.31 -4.98
N ARG A 3 2.21 -0.78 -5.70
CA ARG A 3 1.35 0.23 -5.15
C ARG A 3 0.05 -0.36 -4.68
N SER A 4 -0.03 -0.63 -3.40
CA SER A 4 -1.24 -1.13 -2.82
C SER A 4 -2.13 0.05 -2.42
N PRO A 5 -3.43 0.01 -2.80
CA PRO A 5 -4.39 1.09 -2.49
C PRO A 5 -4.78 1.14 -1.01
N CYS A 6 -3.81 0.91 -0.15
CA CYS A 6 -4.01 0.93 1.28
C CYS A 6 -2.69 1.09 1.99
N ALA A 7 -1.82 1.89 1.43
CA ALA A 7 -0.51 2.04 2.01
C ALA A 7 -0.34 3.38 2.66
N PRO A 8 0.38 3.42 3.79
CA PRO A 8 0.95 2.22 4.42
C PRO A 8 0.06 1.62 5.54
N PHE A 9 -1.25 1.56 5.32
CA PHE A 9 -2.15 1.06 6.37
C PHE A 9 -3.10 -0.06 5.90
N CYS A 10 -2.58 -1.27 5.82
CA CYS A 10 -3.40 -2.46 5.57
C CYS A 10 -2.64 -3.73 5.96
N GLY A 1 9.61 -0.12 -5.04
CA GLY A 1 8.31 0.29 -5.58
C GLY A 1 7.22 0.18 -4.56
N PHE A 2 6.21 1.03 -4.66
CA PHE A 2 5.12 1.03 -3.72
C PHE A 2 3.81 1.07 -4.45
N ARG A 3 3.30 -0.08 -4.76
CA ARG A 3 2.00 -0.18 -5.37
C ARG A 3 1.07 -0.96 -4.48
N SER A 4 0.43 -0.26 -3.58
CA SER A 4 -0.52 -0.84 -2.66
C SER A 4 -1.61 0.19 -2.36
N PRO A 5 -2.85 -0.04 -2.86
CA PRO A 5 -3.97 0.90 -2.67
C PRO A 5 -4.53 0.92 -1.24
N CYS A 6 -3.64 0.81 -0.28
CA CYS A 6 -4.00 0.87 1.12
C CYS A 6 -2.75 1.12 1.94
N ALA A 7 -1.86 1.90 1.41
CA ALA A 7 -0.59 2.09 2.06
C ALA A 7 -0.48 3.43 2.72
N PRO A 8 0.30 3.50 3.79
CA PRO A 8 0.97 2.32 4.35
C PRO A 8 0.19 1.63 5.50
N PHE A 9 -1.14 1.51 5.39
CA PHE A 9 -1.92 0.94 6.50
C PHE A 9 -3.00 -0.07 6.06
N CYS A 10 -2.58 -1.31 5.82
CA CYS A 10 -3.51 -2.41 5.56
C CYS A 10 -2.88 -3.74 5.93
N GLY A 1 9.44 -3.24 -0.99
CA GLY A 1 8.35 -2.32 -0.64
C GLY A 1 7.01 -3.00 -0.66
N PHE A 2 5.96 -2.25 -0.36
CA PHE A 2 4.62 -2.77 -0.34
C PHE A 2 3.70 -1.77 -1.00
N ARG A 3 3.54 -1.91 -2.29
CA ARG A 3 2.69 -1.02 -3.05
C ARG A 3 1.27 -1.54 -3.11
N SER A 4 0.48 -1.15 -2.14
CA SER A 4 -0.91 -1.54 -2.06
C SER A 4 -1.78 -0.29 -2.05
N PRO A 5 -3.03 -0.39 -2.57
CA PRO A 5 -3.99 0.73 -2.56
C PRO A 5 -4.56 0.98 -1.16
N CYS A 6 -3.70 0.83 -0.17
CA CYS A 6 -4.05 1.00 1.21
C CYS A 6 -2.77 1.18 2.00
N ALA A 7 -1.82 1.86 1.41
CA ALA A 7 -0.54 2.00 2.04
C ALA A 7 -0.37 3.36 2.67
N PRO A 8 0.36 3.41 3.78
CA PRO A 8 0.95 2.23 4.42
C PRO A 8 0.09 1.65 5.55
N PHE A 9 -1.23 1.54 5.34
CA PHE A 9 -2.11 1.04 6.41
C PHE A 9 -3.07 -0.06 5.94
N CYS A 10 -2.56 -1.27 5.83
CA CYS A 10 -3.40 -2.44 5.57
C CYS A 10 -2.66 -3.73 5.89
N GLY A 1 7.19 -5.10 -7.40
CA GLY A 1 6.01 -4.24 -7.66
C GLY A 1 5.43 -3.70 -6.37
N PHE A 2 4.68 -2.61 -6.47
CA PHE A 2 4.08 -1.99 -5.33
C PHE A 2 2.58 -2.07 -5.44
N ARG A 3 2.03 -3.15 -4.96
CA ARG A 3 0.60 -3.31 -4.98
C ARG A 3 0.02 -3.17 -3.59
N SER A 4 -0.28 -1.95 -3.20
CA SER A 4 -0.92 -1.68 -1.95
C SER A 4 -1.76 -0.41 -2.04
N PRO A 5 -3.04 -0.53 -2.45
CA PRO A 5 -3.96 0.60 -2.54
C PRO A 5 -4.54 0.93 -1.17
N CYS A 6 -3.69 0.79 -0.18
CA CYS A 6 -4.04 1.01 1.21
C CYS A 6 -2.77 1.21 1.99
N ALA A 7 -1.82 1.88 1.39
CA ALA A 7 -0.53 2.02 2.00
C ALA A 7 -0.37 3.37 2.65
N PRO A 8 0.35 3.41 3.77
CA PRO A 8 0.95 2.23 4.41
C PRO A 8 0.08 1.65 5.56
N PHE A 9 -1.23 1.53 5.36
CA PHE A 9 -2.10 1.03 6.44
C PHE A 9 -3.07 -0.08 5.99
N CYS A 10 -2.56 -1.28 5.85
CA CYS A 10 -3.41 -2.45 5.58
C CYS A 10 -2.67 -3.74 5.89
N GLY A 1 9.31 -4.53 -2.90
CA GLY A 1 8.08 -4.90 -3.59
C GLY A 1 6.87 -4.79 -2.69
N PHE A 2 6.21 -3.64 -2.72
CA PHE A 2 5.04 -3.40 -1.89
C PHE A 2 3.97 -2.67 -2.68
N ARG A 3 3.12 -3.43 -3.32
CA ARG A 3 2.00 -2.84 -4.03
C ARG A 3 0.73 -2.99 -3.23
N SER A 4 0.42 -2.00 -2.44
CA SER A 4 -0.78 -2.01 -1.64
C SER A 4 -1.58 -0.73 -1.86
N PRO A 5 -2.82 -0.83 -2.36
CA PRO A 5 -3.70 0.33 -2.57
C PRO A 5 -4.37 0.76 -1.27
N CYS A 6 -3.61 0.68 -0.21
CA CYS A 6 -4.05 1.01 1.13
C CYS A 6 -2.84 1.24 1.99
N ALA A 7 -1.82 1.82 1.40
CA ALA A 7 -0.58 2.00 2.09
C ALA A 7 -0.46 3.38 2.69
N PRO A 8 0.31 3.47 3.77
CA PRO A 8 0.97 2.32 4.39
C PRO A 8 0.17 1.70 5.56
N PHE A 9 -1.15 1.50 5.39
CA PHE A 9 -1.96 0.98 6.48
C PHE A 9 -3.00 -0.06 6.05
N CYS A 10 -2.57 -1.29 5.83
CA CYS A 10 -3.49 -2.40 5.56
C CYS A 10 -2.81 -3.74 5.78
N GLY A 1 6.33 -0.47 -9.15
CA GLY A 1 7.13 -0.47 -7.90
C GLY A 1 6.29 -0.82 -6.68
N PHE A 2 5.49 0.12 -6.23
CA PHE A 2 4.65 -0.07 -5.06
C PHE A 2 3.28 0.50 -5.29
N ARG A 3 2.41 -0.31 -5.82
CA ARG A 3 1.04 0.11 -6.02
C ARG A 3 0.10 -0.66 -5.12
N SER A 4 -0.11 -0.12 -3.95
CA SER A 4 -1.04 -0.71 -3.00
C SER A 4 -2.04 0.35 -2.53
N PRO A 5 -3.34 0.16 -2.84
CA PRO A 5 -4.39 1.14 -2.51
C PRO A 5 -4.78 1.12 -1.02
N CYS A 6 -3.80 0.92 -0.17
CA CYS A 6 -4.02 0.91 1.27
C CYS A 6 -2.69 1.09 1.98
N ALA A 7 -1.83 1.89 1.43
CA ALA A 7 -0.52 2.03 2.02
C ALA A 7 -0.34 3.38 2.66
N PRO A 8 0.39 3.41 3.79
CA PRO A 8 0.96 2.21 4.42
C PRO A 8 0.06 1.62 5.54
N PHE A 9 -1.26 1.56 5.33
CA PHE A 9 -2.15 1.07 6.39
C PHE A 9 -3.11 -0.06 5.92
N CYS A 10 -2.58 -1.27 5.83
CA CYS A 10 -3.39 -2.46 5.57
C CYS A 10 -2.63 -3.73 5.93
N GLY A 1 9.36 -0.75 -6.16
CA GLY A 1 7.96 -0.35 -6.40
C GLY A 1 7.06 -0.67 -5.24
N PHE A 2 6.00 0.10 -5.08
CA PHE A 2 5.06 -0.07 -4.00
C PHE A 2 3.66 -0.01 -4.55
N ARG A 3 3.14 -1.13 -4.96
CA ARG A 3 1.80 -1.20 -5.48
C ARG A 3 0.84 -1.70 -4.40
N SER A 4 0.31 -0.78 -3.62
CA SER A 4 -0.63 -1.12 -2.56
C SER A 4 -1.65 0.02 -2.38
N PRO A 5 -2.93 -0.24 -2.72
CA PRO A 5 -3.99 0.77 -2.63
C PRO A 5 -4.54 0.91 -1.21
N CYS A 6 -3.67 0.80 -0.24
CA CYS A 6 -4.03 0.94 1.16
C CYS A 6 -2.78 1.17 1.97
N ALA A 7 -1.85 1.88 1.41
CA ALA A 7 -0.58 2.04 2.06
C ALA A 7 -0.43 3.38 2.71
N PRO A 8 0.34 3.43 3.79
CA PRO A 8 0.96 2.25 4.38
C PRO A 8 0.14 1.63 5.54
N PHE A 9 -1.17 1.51 5.36
CA PHE A 9 -2.03 1.01 6.45
C PHE A 9 -3.04 -0.06 5.99
N CYS A 10 -2.58 -1.28 5.84
CA CYS A 10 -3.44 -2.42 5.57
C CYS A 10 -2.74 -3.72 5.89
N GLY A 1 8.70 -4.94 -3.57
CA GLY A 1 8.11 -3.61 -3.34
C GLY A 1 6.69 -3.70 -2.79
N PHE A 2 6.12 -2.57 -2.42
CA PHE A 2 4.79 -2.52 -1.86
C PHE A 2 3.99 -1.39 -2.43
N ARG A 3 3.31 -1.65 -3.52
CA ARG A 3 2.40 -0.69 -4.08
C ARG A 3 0.98 -1.21 -3.95
N SER A 4 0.37 -0.89 -2.83
CA SER A 4 -0.98 -1.33 -2.53
C SER A 4 -1.87 -0.13 -2.30
N PRO A 5 -3.14 -0.19 -2.75
CA PRO A 5 -4.10 0.91 -2.58
C PRO A 5 -4.62 1.05 -1.15
N CYS A 6 -3.72 0.86 -0.20
CA CYS A 6 -4.03 0.97 1.21
C CYS A 6 -2.75 1.14 1.97
N ALA A 7 -1.82 1.86 1.41
CA ALA A 7 -0.55 2.01 2.04
C ALA A 7 -0.38 3.36 2.67
N PRO A 8 0.35 3.42 3.77
CA PRO A 8 0.96 2.25 4.40
C PRO A 8 0.10 1.68 5.56
N PHE A 9 -1.22 1.52 5.34
CA PHE A 9 -2.08 1.04 6.42
C PHE A 9 -3.07 -0.06 5.97
N CYS A 10 -2.58 -1.28 5.84
CA CYS A 10 -3.42 -2.44 5.58
C CYS A 10 -2.69 -3.74 5.90
N GLY A 1 8.92 -0.12 -6.41
CA GLY A 1 7.52 0.33 -6.55
C GLY A 1 6.62 -0.33 -5.54
N PHE A 2 5.52 0.32 -5.22
CA PHE A 2 4.55 -0.19 -4.26
C PHE A 2 3.15 0.18 -4.68
N ARG A 3 2.54 -0.68 -5.46
CA ARG A 3 1.18 -0.48 -5.90
C ARG A 3 0.23 -1.10 -4.91
N SER A 4 -0.18 -0.32 -3.92
CA SER A 4 -1.09 -0.77 -2.90
C SER A 4 -2.05 0.35 -2.52
N PRO A 5 -3.36 0.16 -2.80
CA PRO A 5 -4.37 1.18 -2.50
C PRO A 5 -4.77 1.16 -1.01
N CYS A 6 -3.80 0.94 -0.15
CA CYS A 6 -4.01 0.93 1.28
C CYS A 6 -2.70 1.07 1.99
N ALA A 7 -1.81 1.87 1.44
CA ALA A 7 -0.51 2.02 2.04
C ALA A 7 -0.34 3.38 2.65
N PRO A 8 0.38 3.44 3.76
CA PRO A 8 0.96 2.27 4.42
C PRO A 8 0.08 1.70 5.56
N PHE A 9 -1.23 1.52 5.31
CA PHE A 9 -2.13 1.04 6.37
C PHE A 9 -3.09 -0.07 5.90
N CYS A 10 -2.59 -1.28 5.82
CA CYS A 10 -3.42 -2.47 5.57
C CYS A 10 -2.69 -3.75 5.93
N GLY A 1 7.91 -6.37 -5.47
CA GLY A 1 7.06 -5.17 -5.63
C GLY A 1 6.03 -5.06 -4.53
N PHE A 2 5.39 -3.91 -4.43
CA PHE A 2 4.37 -3.68 -3.43
C PHE A 2 3.26 -2.80 -3.98
N ARG A 3 2.28 -3.41 -4.58
CA ARG A 3 1.13 -2.68 -5.06
C ARG A 3 -0.03 -2.82 -4.09
N SER A 4 -0.08 -1.93 -3.13
CA SER A 4 -1.13 -1.94 -2.14
C SER A 4 -1.84 -0.59 -2.11
N PRO A 5 -3.10 -0.54 -2.58
CA PRO A 5 -3.88 0.71 -2.61
C PRO A 5 -4.47 1.04 -1.23
N CYS A 6 -3.67 0.77 -0.21
CA CYS A 6 -4.06 1.00 1.17
C CYS A 6 -2.81 1.17 2.00
N ALA A 7 -1.82 1.78 1.43
CA ALA A 7 -0.57 1.95 2.10
C ALA A 7 -0.45 3.33 2.68
N PRO A 8 0.31 3.45 3.77
CA PRO A 8 0.98 2.31 4.41
C PRO A 8 0.16 1.69 5.57
N PHE A 9 -1.17 1.54 5.39
CA PHE A 9 -2.01 1.02 6.47
C PHE A 9 -3.03 -0.04 6.00
N CYS A 10 -2.58 -1.26 5.80
CA CYS A 10 -3.46 -2.40 5.54
C CYS A 10 -2.73 -3.71 5.79
N GLY A 1 8.80 -0.61 -6.64
CA GLY A 1 7.56 -1.04 -7.32
C GLY A 1 6.58 -1.67 -6.36
N PHE A 2 5.99 -0.87 -5.49
CA PHE A 2 5.03 -1.33 -4.52
C PHE A 2 3.93 -0.32 -4.36
N ARG A 3 2.92 -0.43 -5.18
CA ARG A 3 1.81 0.48 -5.10
C ARG A 3 0.54 -0.24 -4.65
N SER A 4 0.36 -0.30 -3.35
CA SER A 4 -0.84 -0.88 -2.78
C SER A 4 -1.83 0.23 -2.42
N PRO A 5 -3.10 0.09 -2.85
CA PRO A 5 -4.13 1.11 -2.60
C PRO A 5 -4.64 1.11 -1.15
N CYS A 6 -3.73 0.90 -0.22
CA CYS A 6 -4.02 0.91 1.20
C CYS A 6 -2.74 1.09 1.97
N ALA A 7 -1.84 1.87 1.44
CA ALA A 7 -0.55 2.02 2.05
C ALA A 7 -0.39 3.39 2.67
N PRO A 8 0.34 3.45 3.78
CA PRO A 8 0.96 2.27 4.40
C PRO A 8 0.11 1.67 5.54
N PHE A 9 -1.19 1.52 5.34
CA PHE A 9 -2.05 1.01 6.43
C PHE A 9 -3.05 -0.06 5.97
N CYS A 10 -2.59 -1.28 5.82
CA CYS A 10 -3.44 -2.43 5.57
C CYS A 10 -2.72 -3.73 5.92
N GLY A 1 9.34 -1.91 -5.88
CA GLY A 1 8.26 -1.07 -5.30
C GLY A 1 7.04 -1.89 -4.95
N PHE A 2 6.18 -1.32 -4.13
CA PHE A 2 4.98 -1.99 -3.69
C PHE A 2 3.85 -0.99 -3.63
N ARG A 3 3.15 -0.81 -4.72
CA ARG A 3 2.04 0.11 -4.75
C ARG A 3 0.75 -0.55 -4.35
N SER A 4 0.48 -0.52 -3.07
CA SER A 4 -0.75 -1.05 -2.55
C SER A 4 -1.74 0.08 -2.28
N PRO A 5 -2.99 -0.06 -2.75
CA PRO A 5 -4.02 0.98 -2.60
C PRO A 5 -4.58 1.06 -1.16
N CYS A 6 -3.70 0.88 -0.20
CA CYS A 6 -4.04 0.95 1.20
C CYS A 6 -2.76 1.13 1.99
N ALA A 7 -1.83 1.86 1.44
CA ALA A 7 -0.56 2.00 2.07
C ALA A 7 -0.36 3.37 2.65
N PRO A 8 0.38 3.43 3.76
CA PRO A 8 0.95 2.24 4.41
C PRO A 8 0.09 1.67 5.55
N PHE A 9 -1.23 1.52 5.35
CA PHE A 9 -2.09 1.04 6.43
C PHE A 9 -3.08 -0.05 5.98
N CYS A 10 -2.58 -1.27 5.83
CA CYS A 10 -3.42 -2.44 5.58
C CYS A 10 -2.67 -3.74 5.87
N GLY A 1 8.87 -4.32 -5.68
CA GLY A 1 8.23 -3.09 -5.21
C GLY A 1 7.11 -3.36 -4.23
N PHE A 2 6.52 -2.29 -3.71
CA PHE A 2 5.42 -2.40 -2.76
C PHE A 2 4.39 -1.35 -3.08
N ARG A 3 3.46 -1.71 -3.91
CA ARG A 3 2.40 -0.79 -4.26
C ARG A 3 1.05 -1.35 -3.87
N SER A 4 0.64 -1.08 -2.64
CA SER A 4 -0.66 -1.48 -2.16
C SER A 4 -1.61 -0.31 -2.17
N PRO A 5 -2.86 -0.48 -2.64
CA PRO A 5 -3.86 0.59 -2.67
C PRO A 5 -4.47 0.84 -1.28
N CYS A 6 -3.64 0.74 -0.28
CA CYS A 6 -4.03 0.93 1.11
C CYS A 6 -2.80 1.17 1.95
N ALA A 7 -1.84 1.87 1.39
CA ALA A 7 -0.59 2.06 2.06
C ALA A 7 -0.49 3.41 2.71
N PRO A 8 0.28 3.48 3.80
CA PRO A 8 0.97 2.31 4.37
C PRO A 8 0.20 1.63 5.53
N PHE A 9 -1.13 1.53 5.42
CA PHE A 9 -1.92 0.93 6.51
C PHE A 9 -2.98 -0.06 6.05
N CYS A 10 -2.58 -1.30 5.84
CA CYS A 10 -3.50 -2.39 5.57
C CYS A 10 -2.86 -3.73 5.87
N GLY A 1 8.82 -2.29 -6.17
CA GLY A 1 7.84 -1.18 -6.09
C GLY A 1 6.81 -1.43 -5.02
N PHE A 2 5.88 -0.51 -4.86
CA PHE A 2 4.85 -0.64 -3.87
C PHE A 2 3.51 -0.24 -4.45
N ARG A 3 2.83 -1.19 -5.02
CA ARG A 3 1.51 -0.96 -5.56
C ARG A 3 0.47 -1.52 -4.62
N SER A 4 0.04 -0.70 -3.69
CA SER A 4 -0.95 -1.09 -2.72
C SER A 4 -1.90 0.07 -2.46
N PRO A 5 -3.20 -0.10 -2.77
CA PRO A 5 -4.20 0.96 -2.58
C PRO A 5 -4.67 1.05 -1.13
N CYS A 6 -3.74 0.86 -0.22
CA CYS A 6 -4.02 0.93 1.21
C CYS A 6 -2.73 1.12 1.98
N ALA A 7 -1.83 1.89 1.42
CA ALA A 7 -0.55 2.04 2.04
C ALA A 7 -0.39 3.39 2.68
N PRO A 8 0.36 3.43 3.79
CA PRO A 8 0.97 2.25 4.41
C PRO A 8 0.11 1.64 5.54
N PHE A 9 -1.21 1.53 5.34
CA PHE A 9 -2.09 1.04 6.41
C PHE A 9 -3.07 -0.06 5.96
N CYS A 10 -2.58 -1.28 5.84
CA CYS A 10 -3.42 -2.44 5.58
C CYS A 10 -2.71 -3.74 5.93
N GLY A 1 7.83 -0.82 -8.39
CA GLY A 1 6.55 -0.13 -8.59
C GLY A 1 5.83 0.11 -7.30
N PHE A 2 4.66 0.71 -7.36
CA PHE A 2 3.88 1.01 -6.17
C PHE A 2 2.41 0.78 -6.42
N ARG A 3 1.96 -0.42 -6.20
CA ARG A 3 0.54 -0.71 -6.31
C ARG A 3 -0.01 -1.21 -5.01
N SER A 4 -0.42 -0.30 -4.16
CA SER A 4 -1.03 -0.61 -2.89
C SER A 4 -2.01 0.48 -2.49
N PRO A 5 -3.32 0.26 -2.76
CA PRO A 5 -4.36 1.24 -2.45
C PRO A 5 -4.77 1.19 -0.97
N CYS A 6 -3.80 0.96 -0.13
CA CYS A 6 -4.01 0.92 1.32
C CYS A 6 -2.69 1.08 2.00
N ALA A 7 -1.83 1.90 1.46
CA ALA A 7 -0.50 2.03 2.01
C ALA A 7 -0.31 3.39 2.63
N PRO A 8 0.40 3.44 3.76
CA PRO A 8 0.96 2.25 4.43
C PRO A 8 0.05 1.71 5.55
N PHE A 9 -1.24 1.49 5.27
CA PHE A 9 -2.17 1.05 6.31
C PHE A 9 -3.10 -0.09 5.87
N CYS A 10 -2.59 -1.30 5.82
CA CYS A 10 -3.40 -2.49 5.58
C CYS A 10 -2.67 -3.76 6.00
N GLY A 1 5.93 -6.61 -8.29
CA GLY A 1 5.67 -5.24 -7.80
C GLY A 1 4.80 -5.23 -6.58
N PHE A 2 4.54 -4.05 -6.03
CA PHE A 2 3.72 -3.92 -4.85
C PHE A 2 2.71 -2.81 -5.04
N ARG A 3 1.58 -3.16 -5.57
CA ARG A 3 0.50 -2.21 -5.73
C ARG A 3 -0.44 -2.31 -4.55
N SER A 4 -0.17 -1.53 -3.53
CA SER A 4 -0.98 -1.54 -2.34
C SER A 4 -1.84 -0.27 -2.26
N PRO A 5 -3.13 -0.37 -2.61
CA PRO A 5 -4.06 0.77 -2.58
C PRO A 5 -4.57 1.00 -1.16
N CYS A 6 -3.70 0.82 -0.21
CA CYS A 6 -4.02 0.96 1.20
C CYS A 6 -2.75 1.15 1.98
N ALA A 7 -1.82 1.87 1.41
CA ALA A 7 -0.55 2.04 2.05
C ALA A 7 -0.43 3.40 2.69
N PRO A 8 0.34 3.46 3.78
CA PRO A 8 0.97 2.29 4.40
C PRO A 8 0.14 1.69 5.55
N PHE A 9 -1.17 1.50 5.35
CA PHE A 9 -2.04 1.01 6.42
C PHE A 9 -3.05 -0.07 5.97
N CYS A 10 -2.58 -1.30 5.83
CA CYS A 10 -3.46 -2.44 5.58
C CYS A 10 -2.76 -3.76 5.92
N GLY A 1 8.69 -3.25 -5.24
CA GLY A 1 7.60 -2.45 -5.85
C GLY A 1 6.49 -2.18 -4.87
N PHE A 2 5.90 -1.00 -4.98
CA PHE A 2 4.85 -0.61 -4.07
C PHE A 2 3.54 -0.56 -4.81
N ARG A 3 2.89 -1.67 -4.84
CA ARG A 3 1.58 -1.73 -5.44
C ARG A 3 0.56 -2.09 -4.37
N SER A 4 0.07 -1.08 -3.68
CA SER A 4 -0.90 -1.29 -2.63
C SER A 4 -1.83 -0.08 -2.48
N PRO A 5 -3.14 -0.25 -2.75
CA PRO A 5 -4.11 0.84 -2.63
C PRO A 5 -4.62 1.00 -1.20
N CYS A 6 -3.71 0.82 -0.25
CA CYS A 6 -4.03 0.93 1.17
C CYS A 6 -2.76 1.13 1.96
N ALA A 7 -1.83 1.85 1.41
CA ALA A 7 -0.57 2.02 2.06
C ALA A 7 -0.44 3.39 2.69
N PRO A 8 0.32 3.46 3.78
CA PRO A 8 0.98 2.30 4.40
C PRO A 8 0.16 1.68 5.56
N PHE A 9 -1.16 1.51 5.37
CA PHE A 9 -2.01 0.99 6.47
C PHE A 9 -3.03 -0.06 6.02
N CYS A 10 -2.59 -1.28 5.84
CA CYS A 10 -3.47 -2.41 5.57
C CYS A 10 -2.77 -3.73 5.86
N GLY A 1 8.23 2.25 -8.30
CA GLY A 1 6.93 2.72 -7.81
C GLY A 1 6.40 1.85 -6.68
N PHE A 2 5.29 2.25 -6.09
CA PHE A 2 4.71 1.51 -4.98
C PHE A 2 3.21 1.44 -5.16
N ARG A 3 2.77 0.41 -5.84
CA ARG A 3 1.35 0.23 -6.07
C ARG A 3 0.71 -0.57 -4.97
N SER A 4 0.24 0.14 -3.97
CA SER A 4 -0.47 -0.45 -2.87
C SER A 4 -1.60 0.47 -2.47
N PRO A 5 -2.84 0.16 -2.90
CA PRO A 5 -4.02 1.03 -2.66
C PRO A 5 -4.54 0.95 -1.22
N CYS A 6 -3.64 0.82 -0.28
CA CYS A 6 -3.98 0.82 1.14
C CYS A 6 -2.73 1.06 1.94
N ALA A 7 -1.88 1.90 1.44
CA ALA A 7 -0.61 2.10 2.09
C ALA A 7 -0.53 3.45 2.75
N PRO A 8 0.28 3.53 3.81
CA PRO A 8 0.99 2.37 4.35
C PRO A 8 0.23 1.65 5.49
N PHE A 9 -1.10 1.52 5.37
CA PHE A 9 -1.88 0.91 6.46
C PHE A 9 -2.97 -0.07 5.98
N CYS A 10 -2.59 -1.33 5.82
CA CYS A 10 -3.54 -2.41 5.56
C CYS A 10 -2.98 -3.76 5.98
N GLY A 1 9.76 -1.96 -2.64
CA GLY A 1 8.86 -0.88 -3.05
C GLY A 1 7.54 -0.94 -2.31
N PHE A 2 6.70 0.05 -2.51
CA PHE A 2 5.42 0.11 -1.85
C PHE A 2 4.35 0.57 -2.80
N ARG A 3 3.75 -0.37 -3.48
CA ARG A 3 2.64 -0.07 -4.35
C ARG A 3 1.43 -0.86 -3.92
N SER A 4 0.67 -0.28 -3.02
CA SER A 4 -0.53 -0.90 -2.52
C SER A 4 -1.62 0.15 -2.35
N PRO A 5 -2.86 -0.13 -2.76
CA PRO A 5 -3.98 0.82 -2.66
C PRO A 5 -4.54 0.90 -1.23
N CYS A 6 -3.65 0.80 -0.26
CA CYS A 6 -4.02 0.89 1.14
C CYS A 6 -2.77 1.12 1.96
N ALA A 7 -1.86 1.88 1.43
CA ALA A 7 -0.59 2.06 2.09
C ALA A 7 -0.47 3.43 2.71
N PRO A 8 0.30 3.51 3.78
CA PRO A 8 0.99 2.36 4.38
C PRO A 8 0.20 1.70 5.53
N PHE A 9 -1.12 1.48 5.36
CA PHE A 9 -1.92 0.93 6.46
C PHE A 9 -2.98 -0.08 6.00
N CYS A 10 -2.58 -1.33 5.82
CA CYS A 10 -3.52 -2.42 5.55
C CYS A 10 -2.93 -3.76 5.95
#